data_5NF0
#
_entry.id   5NF0
#
_cell.length_a   45.278
_cell.length_b   99.966
_cell.length_c   106.611
_cell.angle_alpha   90.00
_cell.angle_beta   90.00
_cell.angle_gamma   90.00
#
_symmetry.space_group_name_H-M   'P 21 21 21'
#
loop_
_entity.id
_entity.type
_entity.pdbx_description
1 polymer 'Fucose-binding lectin II (PA-IIL)'
2 polymer CYD-TRP-TRD-LYS-LYD-LYS-LYD-LYS-TRD-TRP-CYD-GLY
3 polymer 'Fragment of ligand'
4 non-polymer 'CALCIUM ION'
5 non-polymer '3,7-anhydro-2,8-dideoxy-L-glycero-D-gluco-octonic acid'
6 non-polymer ORTHO-XYLENE
7 water water
#
loop_
_entity_poly.entity_id
_entity_poly.type
_entity_poly.pdbx_seq_one_letter_code
_entity_poly.pdbx_strand_id
1 'polypeptide(L)'
;ATQGVFTLPANTRFGVTAFANSSGTQTVNVLVNNETAATFSGQSTNNAVIGTQVLNSGSSGKVQVQVSVNGRPSDLVSAQ
VILTNELNFALVGSEDGTDNDYNDAVVVINWPLG
;
A,B,C,D
2 'polypeptide(L)' (DCY)W(DTR)K(DLY)K(DLY)K(DTR)W(DCY)(NH2) E,G,H
3 'polypeptide(L)' GGGGG F
#
loop_
_chem_comp.id
_chem_comp.type
_chem_comp.name
_chem_comp.formula
CA non-polymer 'CALCIUM ION' 'Ca 2'
NH2 non-polymer 'AMINO GROUP' 'H2 N'
OXE non-polymer ORTHO-XYLENE 'C8 H10'
ZDC D-saccharide '3,7-anhydro-2,8-dideoxy-L-glycero-D-gluco-octonic acid' 'C8 H14 O6'
#
# COMPACT_ATOMS: atom_id res chain seq x y z
N ALA A 1 12.01 9.55 -9.67
CA ALA A 1 12.57 8.39 -8.99
C ALA A 1 12.44 7.18 -9.90
N THR A 2 13.33 6.23 -9.70
CA THR A 2 13.25 4.98 -10.43
C THR A 2 11.95 4.27 -10.07
N GLN A 3 11.33 3.68 -11.08
CA GLN A 3 10.07 2.94 -10.93
C GLN A 3 10.18 1.61 -11.65
N GLY A 4 9.43 0.62 -11.19
CA GLY A 4 9.43 -0.69 -11.84
C GLY A 4 10.58 -1.60 -11.43
N VAL A 5 11.35 -1.23 -10.40
CA VAL A 5 12.46 -2.06 -9.89
C VAL A 5 12.08 -2.52 -8.49
N PHE A 6 12.21 -3.81 -8.23
CA PHE A 6 11.79 -4.37 -6.95
C PHE A 6 12.84 -5.35 -6.46
N THR A 7 13.21 -5.27 -5.18
CA THR A 7 14.05 -6.29 -4.57
C THR A 7 13.16 -7.36 -3.94
N LEU A 8 13.10 -8.51 -4.56
CA LEU A 8 12.39 -9.65 -4.00
C LEU A 8 13.36 -10.42 -3.13
N PRO A 9 12.88 -11.27 -2.23
CA PRO A 9 13.76 -12.27 -1.62
C PRO A 9 14.45 -13.03 -2.74
N ALA A 10 15.74 -13.32 -2.57
CA ALA A 10 16.50 -14.00 -3.59
C ALA A 10 16.02 -15.44 -3.74
N ASN A 11 16.30 -15.99 -4.91
CA ASN A 11 16.07 -17.42 -5.16
C ASN A 11 14.62 -17.85 -4.89
N THR A 12 13.66 -17.00 -5.24
CA THR A 12 12.26 -17.19 -4.87
C THR A 12 11.42 -17.19 -6.13
N ARG A 13 10.49 -18.14 -6.22
CA ARG A 13 9.56 -18.16 -7.35
C ARG A 13 8.48 -17.10 -7.15
N PHE A 14 8.17 -16.41 -8.22
CA PHE A 14 7.16 -15.36 -8.21
C PHE A 14 6.39 -15.40 -9.51
N GLY A 15 5.15 -14.89 -9.45
CA GLY A 15 4.33 -14.74 -10.64
C GLY A 15 4.42 -13.33 -11.20
N VAL A 16 4.34 -13.24 -12.52
CA VAL A 16 4.27 -11.95 -13.18
C VAL A 16 3.18 -12.04 -14.25
N THR A 17 2.28 -11.04 -14.28
CA THR A 17 1.12 -11.03 -15.15
C THR A 17 0.96 -9.64 -15.71
N ALA A 18 0.66 -9.53 -17.01
CA ALA A 18 0.45 -8.26 -17.65
C ALA A 18 -0.94 -8.15 -18.27
N PHE A 19 -1.53 -6.96 -18.17
CA PHE A 19 -2.81 -6.59 -18.72
C PHE A 19 -2.60 -5.40 -19.64
N ALA A 20 -3.40 -5.27 -20.70
CA ALA A 20 -3.25 -4.16 -21.64
C ALA A 20 -4.53 -3.35 -21.73
N ASN A 21 -4.36 -2.04 -21.81
CA ASN A 21 -5.47 -1.11 -21.93
C ASN A 21 -5.02 0.08 -22.77
N SER A 22 -4.87 -0.15 -24.09
CA SER A 22 -4.33 0.87 -24.99
C SER A 22 -4.57 0.46 -26.44
N SER A 23 -4.63 1.46 -27.32
CA SER A 23 -4.63 1.12 -28.75
C SER A 23 -3.29 0.52 -29.18
N GLY A 24 -2.19 0.79 -28.49
CA GLY A 24 -0.89 0.30 -28.91
C GLY A 24 -0.50 -1.03 -28.30
N THR A 25 0.23 -1.82 -29.08
CA THR A 25 0.76 -3.08 -28.59
C THR A 25 1.78 -2.81 -27.50
N GLN A 26 1.58 -3.46 -26.36
CA GLN A 26 2.45 -3.29 -25.20
C GLN A 26 3.50 -4.38 -25.24
N THR A 27 4.78 -3.99 -25.06
CA THR A 27 5.87 -4.95 -24.88
C THR A 27 6.33 -4.84 -23.44
N VAL A 28 6.18 -5.90 -22.68
CA VAL A 28 6.55 -5.93 -21.26
C VAL A 28 7.75 -6.85 -21.13
N ASN A 29 8.89 -6.31 -20.73
CA ASN A 29 10.07 -7.08 -20.46
C ASN A 29 10.28 -7.18 -18.96
N VAL A 30 10.55 -8.38 -18.50
CA VAL A 30 10.81 -8.65 -17.08
C VAL A 30 12.26 -9.08 -16.98
N LEU A 31 13.07 -8.30 -16.28
CA LEU A 31 14.49 -8.58 -16.14
C LEU A 31 14.75 -9.12 -14.76
N VAL A 32 15.56 -10.16 -14.68
CA VAL A 32 16.01 -10.68 -13.40
C VAL A 32 17.51 -10.56 -13.43
N ASN A 33 18.08 -9.88 -12.43
CA ASN A 33 19.53 -9.67 -12.40
C ASN A 33 20.02 -9.00 -13.67
N ASN A 34 19.25 -8.04 -14.17
CA ASN A 34 19.57 -7.26 -15.35
C ASN A 34 19.59 -8.07 -16.65
N GLU A 35 18.99 -9.25 -16.69
CA GLU A 35 18.87 -10.02 -17.94
C GLU A 35 17.39 -10.33 -18.20
N THR A 36 16.98 -10.23 -19.46
CA THR A 36 15.60 -10.49 -19.78
C THR A 36 15.27 -11.94 -19.44
N ALA A 37 14.21 -12.14 -18.65
CA ALA A 37 13.72 -13.44 -18.26
C ALA A 37 12.34 -13.78 -18.82
N ALA A 38 11.58 -12.77 -19.23
CA ALA A 38 10.29 -13.01 -19.85
C ALA A 38 9.93 -11.77 -20.65
N THR A 39 9.18 -11.97 -21.73
CA THR A 39 8.68 -10.87 -22.53
C THR A 39 7.25 -11.19 -22.89
N PHE A 40 6.34 -10.26 -22.65
CA PHE A 40 4.97 -10.39 -23.09
C PHE A 40 4.72 -9.32 -24.12
N SER A 41 3.86 -9.61 -25.07
CA SER A 41 3.50 -8.65 -26.11
C SER A 41 2.03 -8.83 -26.41
N GLY A 42 1.29 -7.73 -26.48
CA GLY A 42 -0.10 -7.86 -26.89
C GLY A 42 -0.79 -6.52 -26.84
N GLN A 43 -1.98 -6.49 -27.43
CA GLN A 43 -2.78 -5.28 -27.54
C GLN A 43 -4.19 -5.59 -27.07
N SER A 44 -4.74 -4.71 -26.27
CA SER A 44 -6.11 -4.79 -25.80
C SER A 44 -6.51 -3.43 -25.27
N THR A 45 -7.78 -3.05 -25.47
CA THR A 45 -8.41 -1.96 -24.73
C THR A 45 -9.41 -2.49 -23.71
N ASN A 46 -9.36 -3.78 -23.41
CA ASN A 46 -10.33 -4.41 -22.53
C ASN A 46 -9.66 -5.17 -21.40
N ASN A 47 -8.46 -4.72 -20.98
CA ASN A 47 -7.80 -5.31 -19.82
C ASN A 47 -7.40 -6.76 -20.04
N ALA A 48 -7.24 -7.20 -21.29
CA ALA A 48 -6.92 -8.60 -21.50
C ALA A 48 -5.59 -8.95 -20.85
N VAL A 49 -5.51 -10.17 -20.32
CA VAL A 49 -4.27 -10.73 -19.82
C VAL A 49 -3.41 -11.14 -21.03
N ILE A 50 -2.33 -10.41 -21.29
CA ILE A 50 -1.50 -10.68 -22.46
C ILE A 50 -0.40 -11.64 -22.13
N GLY A 51 -0.15 -11.90 -20.87
CA GLY A 51 0.76 -12.98 -20.48
C GLY A 51 0.83 -13.16 -18.98
N THR A 52 1.26 -14.34 -18.60
CA THR A 52 1.51 -14.64 -17.19
C THR A 52 2.56 -15.75 -17.13
N GLN A 53 3.46 -15.68 -16.16
CA GLN A 53 4.57 -16.63 -16.10
C GLN A 53 5.07 -16.67 -14.67
N VAL A 54 5.66 -17.81 -14.28
CA VAL A 54 6.38 -17.95 -13.02
C VAL A 54 7.85 -17.93 -13.31
N LEU A 55 8.58 -17.09 -12.57
CA LEU A 55 10.02 -16.91 -12.72
C LEU A 55 10.69 -17.11 -11.37
N ASN A 56 12.01 -17.19 -11.37
CA ASN A 56 12.80 -17.22 -10.14
C ASN A 56 13.60 -15.93 -10.02
N SER A 57 13.57 -15.31 -8.84
CA SER A 57 14.24 -14.02 -8.63
C SER A 57 15.76 -14.11 -8.62
N GLY A 58 16.33 -15.30 -8.61
CA GLY A 58 17.78 -15.42 -8.73
C GLY A 58 18.58 -14.96 -7.53
N SER A 59 19.91 -14.96 -7.74
CA SER A 59 20.81 -14.73 -6.61
C SER A 59 20.71 -13.32 -6.06
N SER A 60 20.34 -12.32 -6.88
CA SER A 60 20.28 -10.95 -6.39
C SER A 60 18.90 -10.55 -5.88
N GLY A 61 17.86 -11.23 -6.33
CA GLY A 61 16.52 -10.80 -6.02
C GLY A 61 16.04 -9.60 -6.83
N LYS A 62 16.87 -9.03 -7.70
CA LYS A 62 16.50 -7.80 -8.42
C LYS A 62 15.59 -8.13 -9.60
N VAL A 63 14.38 -7.58 -9.59
CA VAL A 63 13.45 -7.76 -10.69
C VAL A 63 13.07 -6.40 -11.23
N GLN A 64 13.16 -6.22 -12.54
CA GLN A 64 12.79 -4.95 -13.13
C GLN A 64 11.79 -5.17 -14.26
N VAL A 65 10.75 -4.37 -14.26
CA VAL A 65 9.74 -4.39 -15.31
C VAL A 65 9.99 -3.20 -16.21
N GLN A 66 10.08 -3.43 -17.52
CA GLN A 66 10.14 -2.34 -18.49
C GLN A 66 8.99 -2.48 -19.47
N VAL A 67 8.41 -1.36 -19.88
CA VAL A 67 7.28 -1.39 -20.80
C VAL A 67 7.63 -0.47 -21.95
N SER A 68 7.43 -0.94 -23.17
CA SER A 68 7.61 -0.08 -24.32
C SER A 68 6.53 -0.37 -25.35
N VAL A 69 6.33 0.62 -26.22
CA VAL A 69 5.42 0.47 -27.35
C VAL A 69 6.28 0.76 -28.58
N ASN A 70 6.51 -0.27 -29.41
CA ASN A 70 7.30 -0.09 -30.63
C ASN A 70 8.70 0.45 -30.31
N GLY A 71 9.31 -0.06 -29.22
CA GLY A 71 10.62 0.42 -28.80
C GLY A 71 10.66 1.70 -28.00
N ARG A 72 9.55 2.42 -27.84
CA ARG A 72 9.54 3.67 -27.09
C ARG A 72 9.19 3.41 -25.63
N PRO A 73 10.07 3.72 -24.66
CA PRO A 73 9.77 3.39 -23.25
C PRO A 73 8.57 4.16 -22.75
N SER A 74 7.64 3.44 -22.10
CA SER A 74 6.53 4.12 -21.43
C SER A 74 6.98 4.67 -20.07
N ASP A 75 6.26 5.68 -19.59
CA ASP A 75 6.51 6.19 -18.23
C ASP A 75 5.89 5.26 -17.20
N LEU A 76 6.66 4.86 -16.19
CA LEU A 76 6.18 3.89 -15.23
C LEU A 76 5.83 4.49 -13.88
N VAL A 77 4.90 3.85 -13.20
CA VAL A 77 4.62 4.10 -11.78
C VAL A 77 4.57 2.75 -11.10
N SER A 78 5.00 2.69 -9.84
CA SER A 78 5.07 1.40 -9.19
C SER A 78 5.04 1.53 -7.68
N ALA A 79 4.73 0.41 -7.01
CA ALA A 79 4.85 0.33 -5.56
C ALA A 79 4.78 -1.13 -5.18
N GLN A 80 5.24 -1.46 -3.98
CA GLN A 80 5.09 -2.78 -3.41
C GLN A 80 4.19 -2.71 -2.19
N VAL A 81 3.28 -3.65 -2.05
CA VAL A 81 2.38 -3.72 -0.88
C VAL A 81 2.50 -5.11 -0.27
N ILE A 82 2.48 -5.18 1.06
CA ILE A 82 2.56 -6.45 1.78
C ILE A 82 1.37 -6.57 2.73
N LEU A 83 0.59 -7.65 2.58
CA LEU A 83 -0.58 -7.90 3.42
C LEU A 83 -0.29 -9.00 4.43
N THR A 84 -0.75 -8.80 5.67
CA THR A 84 -0.56 -9.68 6.82
C THR A 84 0.89 -10.15 6.93
N ASN A 85 1.83 -9.29 6.56
CA ASN A 85 3.26 -9.57 6.71
C ASN A 85 3.69 -10.80 5.93
N GLU A 86 2.93 -11.17 4.89
CA GLU A 86 3.18 -12.45 4.20
C GLU A 86 3.06 -12.30 2.69
N LEU A 87 2.00 -11.67 2.24
CA LEU A 87 1.59 -11.73 0.85
C LEU A 87 2.06 -10.46 0.17
N ASN A 88 2.88 -10.61 -0.87
CA ASN A 88 3.53 -9.48 -1.51
C ASN A 88 2.98 -9.23 -2.91
N PHE A 89 2.77 -7.96 -3.22
CA PHE A 89 2.43 -7.52 -4.56
C PHE A 89 3.41 -6.45 -4.96
N ALA A 90 4.01 -6.56 -6.13
CA ALA A 90 4.74 -5.46 -6.72
C ALA A 90 3.94 -5.03 -7.94
N LEU A 91 3.58 -3.76 -8.01
CA LEU A 91 2.58 -3.28 -8.94
C LEU A 91 3.20 -2.24 -9.86
N VAL A 92 2.89 -2.33 -11.16
CA VAL A 92 3.39 -1.37 -12.14
C VAL A 92 2.24 -0.90 -13.01
N GLY A 93 2.13 0.41 -13.21
CA GLY A 93 1.35 0.97 -14.28
C GLY A 93 2.27 1.70 -15.25
N SER A 94 1.71 2.02 -16.40
CA SER A 94 2.56 2.64 -17.42
C SER A 94 1.71 3.48 -18.35
N GLU A 95 2.31 4.53 -18.90
CA GLU A 95 1.63 5.48 -19.76
C GLU A 95 2.42 5.58 -21.06
N ASP A 96 1.76 5.30 -22.17
CA ASP A 96 2.36 5.34 -23.51
C ASP A 96 1.97 6.60 -24.27
N GLY A 97 1.13 7.46 -23.68
CA GLY A 97 0.56 8.58 -24.42
C GLY A 97 0.41 9.83 -23.58
N THR A 98 -0.70 10.54 -23.74
CA THR A 98 -0.89 11.84 -23.12
C THR A 98 -2.06 11.90 -22.15
N ASP A 99 -2.90 10.88 -22.06
CA ASP A 99 -4.10 10.94 -21.23
C ASP A 99 -3.81 10.63 -19.76
N ASN A 100 -2.64 10.09 -19.45
CA ASN A 100 -2.25 9.87 -18.06
C ASN A 100 -3.21 8.97 -17.30
N ASP A 101 -3.74 7.94 -17.97
CA ASP A 101 -4.49 6.92 -17.25
C ASP A 101 -3.57 5.87 -16.63
N TYR A 102 -2.34 5.76 -17.11
CA TYR A 102 -1.33 4.90 -16.51
C TYR A 102 -1.77 3.44 -16.44
N ASN A 103 -2.68 3.02 -17.35
CA ASN A 103 -3.12 1.63 -17.34
C ASN A 103 -2.76 0.92 -18.64
N ASP A 104 -1.89 1.54 -19.45
CA ASP A 104 -1.73 1.08 -20.83
C ASP A 104 -1.15 -0.32 -20.85
N ALA A 105 -0.14 -0.57 -20.02
CA ALA A 105 0.18 -1.90 -19.53
C ALA A 105 0.16 -1.84 -18.02
N VAL A 106 -0.50 -2.79 -17.39
CA VAL A 106 -0.52 -2.96 -15.94
C VAL A 106 0.18 -4.28 -15.66
N VAL A 107 1.16 -4.28 -14.75
CA VAL A 107 1.90 -5.49 -14.46
C VAL A 107 1.78 -5.77 -12.97
N VAL A 108 1.43 -7.00 -12.62
CA VAL A 108 1.35 -7.43 -11.23
C VAL A 108 2.32 -8.56 -11.01
N ILE A 109 3.20 -8.39 -10.05
CA ILE A 109 4.09 -9.43 -9.56
C ILE A 109 3.61 -9.86 -8.19
N ASN A 110 3.52 -11.17 -7.95
CA ASN A 110 3.06 -11.63 -6.64
C ASN A 110 3.92 -12.78 -6.15
N TRP A 111 4.13 -12.82 -4.84
CA TRP A 111 4.82 -13.92 -4.18
C TRP A 111 4.43 -13.91 -2.71
N PRO A 112 4.67 -15.01 -1.98
CA PRO A 112 5.16 -16.31 -2.44
C PRO A 112 4.10 -17.09 -3.16
N LEU A 113 4.54 -18.15 -3.84
CA LEU A 113 3.67 -19.05 -4.57
C LEU A 113 3.53 -20.36 -3.81
N GLY A 114 2.65 -21.23 -4.32
CA GLY A 114 2.61 -22.58 -3.81
C GLY A 114 1.62 -22.82 -2.69
N ALA B 1 5.76 10.47 -13.89
CA ALA B 1 4.40 10.75 -13.55
C ALA B 1 4.34 11.77 -12.44
N THR B 2 3.24 12.50 -12.38
CA THR B 2 3.04 13.42 -11.28
C THR B 2 3.00 12.64 -9.98
N GLN B 3 3.61 13.21 -8.95
CA GLN B 3 3.62 12.63 -7.61
C GLN B 3 3.25 13.71 -6.60
N GLY B 4 2.72 13.28 -5.47
CA GLY B 4 2.39 14.20 -4.41
C GLY B 4 1.05 14.90 -4.58
N VAL B 5 0.22 14.48 -5.53
CA VAL B 5 -1.11 15.05 -5.74
C VAL B 5 -2.14 13.98 -5.41
N PHE B 6 -3.13 14.35 -4.60
CA PHE B 6 -4.13 13.36 -4.19
C PHE B 6 -5.50 14.00 -4.27
N THR B 7 -6.50 13.25 -4.75
CA THR B 7 -7.90 13.69 -4.66
C THR B 7 -8.52 13.07 -3.42
N LEU B 8 -8.82 13.88 -2.46
CA LEU B 8 -9.51 13.49 -1.26
C LEU B 8 -11.02 13.65 -1.48
N PRO B 9 -11.83 13.03 -0.67
CA PRO B 9 -13.25 13.41 -0.65
C PRO B 9 -13.33 14.88 -0.33
N ALA B 10 -14.25 15.57 -0.98
CA ALA B 10 -14.37 16.99 -0.78
C ALA B 10 -14.85 17.30 0.64
N ASN B 11 -14.52 18.51 1.09
CA ASN B 11 -15.03 19.07 2.36
C ASN B 11 -14.73 18.18 3.53
N THR B 12 -13.54 17.60 3.57
CA THR B 12 -13.21 16.57 4.56
C THR B 12 -11.98 17.02 5.34
N ARG B 13 -12.04 16.92 6.67
CA ARG B 13 -10.86 17.20 7.48
C ARG B 13 -9.86 16.07 7.31
N PHE B 14 -8.58 16.43 7.22
CA PHE B 14 -7.52 15.46 7.11
C PHE B 14 -6.32 15.93 7.90
N GLY B 15 -5.48 15.01 8.31
CA GLY B 15 -4.26 15.36 9.00
C GLY B 15 -3.11 15.32 8.02
N VAL B 16 -2.13 16.21 8.23
CA VAL B 16 -0.91 16.15 7.46
C VAL B 16 0.26 16.30 8.41
N THR B 17 1.25 15.42 8.31
CA THR B 17 2.38 15.40 9.23
C THR B 17 3.65 15.17 8.43
N ALA B 18 4.72 15.87 8.77
CA ALA B 18 5.98 15.71 8.04
C ALA B 18 7.10 15.37 9.00
N PHE B 19 8.00 14.50 8.55
CA PHE B 19 9.14 14.01 9.31
C PHE B 19 10.36 14.32 8.48
N ALA B 20 11.47 14.66 9.14
CA ALA B 20 12.70 14.98 8.42
C ALA B 20 13.81 13.97 8.68
N ASN B 21 14.55 13.64 7.61
CA ASN B 21 15.71 12.72 7.71
C ASN B 21 16.76 13.19 6.71
N SER B 22 17.42 14.31 7.03
CA SER B 22 18.40 14.87 6.11
C SER B 22 19.20 15.95 6.81
N SER B 23 20.43 16.16 6.31
CA SER B 23 21.17 17.34 6.75
C SER B 23 20.57 18.62 6.19
N GLY B 24 19.79 18.56 5.13
CA GLY B 24 19.21 19.77 4.55
C GLY B 24 17.94 20.19 5.28
N THR B 25 17.75 21.49 5.44
CA THR B 25 16.51 22.01 6.02
C THR B 25 15.37 21.81 5.02
N GLN B 26 14.31 21.13 5.45
CA GLN B 26 13.18 20.80 4.58
C GLN B 26 12.11 21.85 4.73
N THR B 27 11.49 22.22 3.61
CA THR B 27 10.25 22.99 3.65
C THR B 27 9.18 22.21 2.90
N VAL B 28 8.09 21.93 3.58
CA VAL B 28 6.98 21.17 3.04
C VAL B 28 5.83 22.14 2.90
N ASN B 29 5.32 22.30 1.70
CA ASN B 29 4.15 23.11 1.45
C ASN B 29 2.97 22.21 1.07
N VAL B 30 1.84 22.45 1.70
CA VAL B 30 0.63 21.69 1.45
C VAL B 30 -0.37 22.63 0.79
N LEU B 31 -0.77 22.32 -0.44
CA LEU B 31 -1.70 23.11 -1.23
C LEU B 31 -3.06 22.44 -1.24
N VAL B 32 -4.10 23.20 -0.97
CA VAL B 32 -5.46 22.71 -1.12
C VAL B 32 -6.10 23.55 -2.21
N ASN B 33 -6.63 22.90 -3.26
CA ASN B 33 -7.22 23.60 -4.41
C ASN B 33 -6.25 24.64 -4.95
N ASN B 34 -4.97 24.27 -5.02
CA ASN B 34 -3.89 25.06 -5.62
C ASN B 34 -3.50 26.28 -4.81
N GLU B 35 -3.89 26.36 -3.53
CA GLU B 35 -3.53 27.49 -2.68
C GLU B 35 -2.79 26.94 -1.46
N THR B 36 -1.70 27.60 -1.06
CA THR B 36 -0.97 27.13 0.10
C THR B 36 -1.86 27.17 1.33
N ALA B 37 -1.95 26.06 2.04
CA ALA B 37 -2.74 25.91 3.24
C ALA B 37 -1.93 25.63 4.49
N ALA B 38 -0.73 25.06 4.35
CA ALA B 38 0.14 24.85 5.49
C ALA B 38 1.56 24.81 4.95
N THR B 39 2.50 25.20 5.80
CA THR B 39 3.92 25.13 5.47
C THR B 39 4.68 24.70 6.71
N PHE B 40 5.51 23.66 6.60
CA PHE B 40 6.32 23.20 7.73
C PHE B 40 7.78 23.28 7.30
N SER B 41 8.66 23.65 8.21
CA SER B 41 10.09 23.60 7.93
C SER B 41 10.86 23.08 9.13
N GLY B 42 11.94 22.38 8.88
CA GLY B 42 12.78 21.94 9.97
C GLY B 42 13.91 21.09 9.45
N GLN B 43 14.80 20.75 10.36
CA GLN B 43 15.98 19.95 10.02
C GLN B 43 16.18 18.89 11.09
N SER B 44 16.25 17.63 10.66
CA SER B 44 16.55 16.53 11.57
C SER B 44 17.09 15.38 10.73
N THR B 45 18.04 14.62 11.28
CA THR B 45 18.42 13.33 10.69
C THR B 45 17.88 12.18 11.51
N ASN B 46 16.93 12.44 12.38
CA ASN B 46 16.40 11.46 13.32
C ASN B 46 14.87 11.40 13.28
N ASN B 47 14.26 11.70 12.13
CA ASN B 47 12.83 11.48 11.93
C ASN B 47 11.97 12.41 12.77
N ALA B 48 12.49 13.61 13.16
CA ALA B 48 11.69 14.48 13.96
C ALA B 48 10.48 14.95 13.15
N VAL B 49 9.39 15.17 13.87
CA VAL B 49 8.18 15.76 13.28
C VAL B 49 8.42 17.26 13.11
N ILE B 50 8.48 17.74 11.87
CA ILE B 50 8.68 19.17 11.60
C ILE B 50 7.37 19.91 11.49
N GLY B 51 6.25 19.20 11.41
CA GLY B 51 4.95 19.83 11.47
C GLY B 51 3.82 18.82 11.46
N THR B 52 2.72 19.17 12.10
CA THR B 52 1.50 18.38 11.97
C THR B 52 0.34 19.37 12.06
N GLN B 53 -0.69 19.15 11.26
CA GLN B 53 -1.80 20.11 11.21
C GLN B 53 -3.05 19.41 10.67
N VAL B 54 -4.22 19.92 11.03
CA VAL B 54 -5.49 19.48 10.47
C VAL B 54 -5.92 20.52 9.46
N LEU B 55 -6.28 20.07 8.26
CA LEU B 55 -6.76 20.92 7.18
C LEU B 55 -8.08 20.38 6.66
N ASN B 56 -8.75 21.18 5.83
CA ASN B 56 -9.98 20.75 5.17
C ASN B 56 -9.75 20.67 3.66
N SER B 57 -10.21 19.59 3.02
CA SER B 57 -9.92 19.40 1.61
C SER B 57 -10.72 20.30 0.68
N GLY B 58 -11.71 21.01 1.20
CA GLY B 58 -12.39 22.03 0.40
C GLY B 58 -13.27 21.44 -0.72
N SER B 59 -13.80 22.34 -1.56
CA SER B 59 -14.81 21.92 -2.53
C SER B 59 -14.24 21.01 -3.60
N SER B 60 -12.95 21.10 -3.92
CA SER B 60 -12.37 20.28 -4.98
C SER B 60 -11.78 18.97 -4.48
N GLY B 61 -11.42 18.90 -3.20
CA GLY B 61 -10.71 17.75 -2.68
C GLY B 61 -9.26 17.65 -3.11
N LYS B 62 -8.72 18.57 -3.89
CA LYS B 62 -7.37 18.43 -4.41
C LYS B 62 -6.35 18.86 -3.39
N VAL B 63 -5.43 17.96 -3.04
CA VAL B 63 -4.36 18.26 -2.10
C VAL B 63 -3.03 17.94 -2.79
N GLN B 64 -2.09 18.87 -2.68
CA GLN B 64 -0.77 18.66 -3.25
C GLN B 64 0.31 18.95 -2.22
N VAL B 65 1.30 18.08 -2.15
CA VAL B 65 2.46 18.22 -1.27
C VAL B 65 3.64 18.60 -2.14
N GLN B 66 4.38 19.64 -1.73
CA GLN B 66 5.61 20.04 -2.36
C GLN B 66 6.70 20.07 -1.30
N VAL B 67 7.90 19.65 -1.66
CA VAL B 67 9.04 19.68 -0.73
C VAL B 67 10.20 20.37 -1.42
N SER B 68 10.88 21.26 -0.70
CA SER B 68 12.09 21.86 -1.28
C SER B 68 13.14 22.07 -0.19
N VAL B 69 14.38 22.25 -0.68
CA VAL B 69 15.54 22.55 0.15
C VAL B 69 16.28 23.68 -0.55
N ASN B 70 16.53 24.77 0.17
CA ASN B 70 17.23 25.92 -0.44
C ASN B 70 16.54 26.37 -1.72
N GLY B 71 15.23 26.20 -1.79
CA GLY B 71 14.46 26.68 -2.92
C GLY B 71 14.42 25.74 -4.11
N ARG B 72 15.06 24.57 -4.00
CA ARG B 72 15.05 23.62 -5.09
C ARG B 72 14.05 22.52 -4.78
N PRO B 73 13.07 22.26 -5.64
CA PRO B 73 12.13 21.14 -5.40
C PRO B 73 12.84 19.81 -5.28
N SER B 74 12.50 19.05 -4.25
CA SER B 74 12.96 17.66 -4.13
C SER B 74 12.18 16.77 -5.09
N ASP B 75 12.78 15.63 -5.45
CA ASP B 75 12.06 14.66 -6.26
C ASP B 75 11.12 13.87 -5.36
N LEU B 76 9.86 13.73 -5.78
CA LEU B 76 8.85 13.11 -4.92
C LEU B 76 8.50 11.71 -5.39
N VAL B 77 8.09 10.90 -4.44
CA VAL B 77 7.42 9.62 -4.68
C VAL B 77 6.18 9.57 -3.80
N SER B 78 5.10 8.96 -4.29
CA SER B 78 3.86 8.98 -3.50
C SER B 78 2.96 7.79 -3.85
N ALA B 79 2.01 7.55 -2.98
CA ALA B 79 0.92 6.59 -3.27
C ALA B 79 -0.14 6.80 -2.20
N GLN B 80 -1.35 6.33 -2.49
CA GLN B 80 -2.43 6.31 -1.50
C GLN B 80 -2.80 4.86 -1.20
N VAL B 81 -3.04 4.54 0.07
CA VAL B 81 -3.44 3.19 0.47
C VAL B 81 -4.69 3.31 1.32
N ILE B 82 -5.64 2.40 1.13
CA ILE B 82 -6.89 2.38 1.87
C ILE B 82 -7.00 1.04 2.56
N LEU B 83 -7.24 1.03 3.88
CA LEU B 83 -7.41 -0.17 4.68
C LEU B 83 -8.87 -0.29 5.08
N THR B 84 -9.36 -1.53 5.05
CA THR B 84 -10.74 -1.94 5.34
C THR B 84 -11.75 -0.97 4.72
N ASN B 85 -11.43 -0.49 3.53
CA ASN B 85 -12.34 0.35 2.76
C ASN B 85 -12.73 1.63 3.49
N GLU B 86 -11.92 2.08 4.47
CA GLU B 86 -12.33 3.18 5.33
C GLU B 86 -11.18 4.13 5.65
N LEU B 87 -10.00 3.59 5.94
CA LEU B 87 -8.92 4.35 6.53
C LEU B 87 -7.93 4.66 5.43
N ASN B 88 -7.70 5.95 5.17
CA ASN B 88 -6.89 6.36 4.04
C ASN B 88 -5.58 6.98 4.48
N PHE B 89 -4.54 6.63 3.76
CA PHE B 89 -3.22 7.26 3.91
C PHE B 89 -2.76 7.74 2.55
N ALA B 90 -2.34 8.99 2.46
CA ALA B 90 -1.65 9.50 1.29
C ALA B 90 -0.22 9.73 1.71
N LEU B 91 0.72 9.08 1.05
CA LEU B 91 2.11 8.99 1.50
C LEU B 91 3.02 9.65 0.52
N VAL B 92 4.01 10.41 1.02
CA VAL B 92 4.99 11.08 0.17
C VAL B 92 6.39 10.87 0.74
N GLY B 93 7.33 10.46 -0.12
CA GLY B 93 8.76 10.55 0.21
C GLY B 93 9.42 11.54 -0.72
N SER B 94 10.61 11.99 -0.36
CA SER B 94 11.25 13.03 -1.16
C SER B 94 12.76 12.89 -1.04
N GLU B 95 13.44 13.26 -2.12
CA GLU B 95 14.89 13.13 -2.20
C GLU B 95 15.49 14.47 -2.56
N ASP B 96 16.36 14.96 -1.69
CA ASP B 96 17.03 16.26 -1.86
C ASP B 96 18.45 16.12 -2.39
N GLY B 97 18.94 14.90 -2.53
CA GLY B 97 20.35 14.68 -2.82
C GLY B 97 20.58 13.52 -3.78
N THR B 98 21.61 12.71 -3.53
CA THR B 98 22.05 11.70 -4.46
C THR B 98 22.06 10.29 -3.89
N ASP B 99 21.69 10.08 -2.64
CA ASP B 99 21.72 8.74 -2.07
C ASP B 99 20.45 7.95 -2.31
N ASN B 100 19.39 8.62 -2.76
CA ASN B 100 18.12 7.96 -3.14
C ASN B 100 17.50 7.17 -2.00
N ASP B 101 17.57 7.68 -0.78
CA ASP B 101 16.80 7.09 0.30
C ASP B 101 15.35 7.58 0.33
N TYR B 102 15.07 8.73 -0.27
CA TYR B 102 13.69 9.23 -0.41
C TYR B 102 13.00 9.43 0.93
N ASN B 103 13.74 9.66 2.00
CA ASN B 103 13.17 9.90 3.32
C ASN B 103 13.48 11.31 3.81
N ASP B 104 13.98 12.19 2.93
CA ASP B 104 14.57 13.42 3.43
C ASP B 104 13.50 14.30 4.05
N ALA B 105 12.32 14.35 3.41
CA ALA B 105 11.09 14.73 4.09
C ALA B 105 10.08 13.63 3.77
N VAL B 106 9.43 13.08 4.79
CA VAL B 106 8.40 12.06 4.62
C VAL B 106 7.11 12.71 5.08
N VAL B 107 6.07 12.65 4.26
CA VAL B 107 4.81 13.32 4.58
C VAL B 107 3.71 12.27 4.58
N VAL B 108 2.90 12.29 5.62
CA VAL B 108 1.78 11.38 5.78
C VAL B 108 0.52 12.21 5.91
N ILE B 109 -0.44 11.94 5.04
CA ILE B 109 -1.77 12.53 5.09
C ILE B 109 -2.73 11.42 5.48
N ASN B 110 -3.60 11.65 6.45
CA ASN B 110 -4.53 10.62 6.86
C ASN B 110 -5.93 11.18 7.00
N TRP B 111 -6.91 10.37 6.63
CA TRP B 111 -8.31 10.72 6.84
C TRP B 111 -9.11 9.43 6.86
N PRO B 112 -10.34 9.45 7.39
CA PRO B 112 -11.01 10.54 8.09
C PRO B 112 -10.40 10.70 9.46
N LEU B 113 -10.74 11.85 10.05
CA LEU B 113 -10.38 12.21 11.41
C LEU B 113 -11.60 12.04 12.29
N GLY B 114 -11.40 12.24 13.57
CA GLY B 114 -12.51 12.34 14.51
C GLY B 114 -13.05 11.02 15.02
N ALA C 1 -11.61 -6.82 11.22
CA ALA C 1 -12.19 -5.84 10.31
C ALA C 1 -12.63 -6.55 9.06
N THR C 2 -13.66 -6.02 8.44
CA THR C 2 -14.13 -6.54 7.16
C THR C 2 -13.00 -6.43 6.14
N GLN C 3 -12.87 -7.46 5.30
CA GLN C 3 -11.88 -7.48 4.22
C GLN C 3 -12.57 -7.90 2.93
N GLY C 4 -11.98 -7.51 1.81
CA GLY C 4 -12.51 -7.94 0.53
C GLY C 4 -13.66 -7.10 0.03
N VAL C 5 -13.95 -5.98 0.65
CA VAL C 5 -15.03 -5.08 0.26
C VAL C 5 -14.41 -3.75 -0.18
N PHE C 6 -14.79 -3.27 -1.35
CA PHE C 6 -14.19 -2.07 -1.89
C PHE C 6 -15.29 -1.19 -2.46
N THR C 7 -15.19 0.12 -2.24
CA THR C 7 -16.08 1.08 -2.89
C THR C 7 -15.37 1.59 -4.13
N LEU C 8 -15.88 1.24 -5.30
CA LEU C 8 -15.34 1.76 -6.55
C LEU C 8 -16.15 2.96 -6.95
N PRO C 9 -15.67 3.79 -7.87
CA PRO C 9 -16.57 4.78 -8.50
C PRO C 9 -17.75 4.06 -9.12
N ALA C 10 -18.93 4.69 -9.03
CA ALA C 10 -20.12 4.02 -9.52
C ALA C 10 -20.06 3.84 -11.03
N ASN C 11 -20.72 2.78 -11.49
CA ASN C 11 -20.99 2.55 -12.91
C ASN C 11 -19.71 2.45 -13.72
N THR C 12 -18.65 1.92 -13.13
CA THR C 12 -17.34 1.95 -13.76
C THR C 12 -16.90 0.52 -14.07
N ARG C 13 -16.38 0.30 -15.27
CA ARG C 13 -15.85 -1.01 -15.62
C ARG C 13 -14.52 -1.23 -14.92
N PHE C 14 -14.34 -2.45 -14.41
CA PHE C 14 -13.11 -2.82 -13.72
C PHE C 14 -12.76 -4.25 -14.08
N GLY C 15 -11.48 -4.59 -13.97
CA GLY C 15 -11.04 -5.94 -14.18
C GLY C 15 -10.97 -6.68 -12.85
N VAL C 16 -11.30 -7.97 -12.88
CA VAL C 16 -11.05 -8.85 -11.75
C VAL C 16 -10.36 -10.12 -12.27
N THR C 17 -9.29 -10.53 -11.61
CA THR C 17 -8.45 -11.65 -12.04
C THR C 17 -8.06 -12.43 -10.80
N ALA C 18 -8.13 -13.75 -10.89
CA ALA C 18 -7.77 -14.59 -9.74
C ALA C 18 -6.69 -15.60 -10.12
N PHE C 19 -5.79 -15.85 -9.16
CA PHE C 19 -4.69 -16.80 -9.27
C PHE C 19 -4.83 -17.79 -8.14
N ALA C 20 -4.39 -19.05 -8.37
CA ALA C 20 -4.51 -20.06 -7.32
C ALA C 20 -3.16 -20.61 -6.91
N ASN C 21 -2.99 -20.84 -5.60
CA ASN C 21 -1.78 -21.41 -5.03
C ASN C 21 -2.17 -22.31 -3.85
N SER C 22 -2.80 -23.45 -4.15
CA SER C 22 -3.31 -24.31 -3.09
C SER C 22 -3.65 -25.68 -3.68
N SER C 23 -3.59 -26.70 -2.82
CA SER C 23 -4.04 -28.01 -3.24
C SER C 23 -5.55 -28.05 -3.52
N GLY C 24 -6.36 -27.20 -2.85
CA GLY C 24 -7.81 -27.25 -3.04
C GLY C 24 -8.32 -26.38 -4.16
N THR C 25 -9.42 -26.78 -4.77
CA THR C 25 -10.06 -25.97 -5.79
C THR C 25 -10.57 -24.69 -5.14
N GLN C 26 -10.23 -23.54 -5.73
CA GLN C 26 -10.66 -22.24 -5.24
C GLN C 26 -11.93 -21.82 -5.96
N THR C 27 -12.91 -21.33 -5.21
CA THR C 27 -14.09 -20.69 -5.77
C THR C 27 -14.05 -19.21 -5.40
N VAL C 28 -14.03 -18.33 -6.39
CA VAL C 28 -13.95 -16.89 -6.15
C VAL C 28 -15.26 -16.32 -6.62
N ASN C 29 -16.01 -15.73 -5.72
CA ASN C 29 -17.22 -15.00 -6.05
C ASN C 29 -16.99 -13.50 -5.95
N VAL C 30 -17.50 -12.77 -6.93
CA VAL C 30 -17.43 -11.33 -6.94
C VAL C 30 -18.84 -10.82 -6.92
N LEU C 31 -19.20 -10.08 -5.89
CA LEU C 31 -20.55 -9.53 -5.74
C LEU C 31 -20.50 -8.04 -6.08
N VAL C 32 -21.47 -7.58 -6.86
CA VAL C 32 -21.63 -6.17 -7.16
C VAL C 32 -22.99 -5.78 -6.63
N ASN C 33 -23.04 -4.77 -5.74
CA ASN C 33 -24.29 -4.37 -5.10
C ASN C 33 -25.01 -5.57 -4.47
N ASN C 34 -24.24 -6.41 -3.81
CA ASN C 34 -24.75 -7.53 -3.03
C ASN C 34 -25.34 -8.65 -3.87
N GLU C 35 -25.07 -8.66 -5.17
CA GLU C 35 -25.54 -9.75 -6.02
C GLU C 35 -24.35 -10.34 -6.75
N THR C 36 -24.30 -11.66 -6.86
CA THR C 36 -23.17 -12.30 -7.50
C THR C 36 -23.08 -11.85 -8.96
N ALA C 37 -21.91 -11.37 -9.36
CA ALA C 37 -21.66 -10.91 -10.73
C ALA C 37 -20.63 -11.75 -11.46
N ALA C 38 -19.83 -12.52 -10.75
CA ALA C 38 -18.85 -13.40 -11.38
C ALA C 38 -18.49 -14.50 -10.41
N THR C 39 -18.25 -15.70 -10.95
CA THR C 39 -17.74 -16.79 -10.17
C THR C 39 -16.63 -17.45 -11.00
N PHE C 40 -15.47 -17.59 -10.41
CA PHE C 40 -14.37 -18.35 -10.99
C PHE C 40 -14.14 -19.60 -10.15
N SER C 41 -13.74 -20.69 -10.82
CA SER C 41 -13.40 -21.95 -10.15
C SER C 41 -12.15 -22.50 -10.81
N GLY C 42 -11.17 -22.90 -10.01
CA GLY C 42 -10.00 -23.57 -10.58
C GLY C 42 -9.01 -23.98 -9.51
N GLN C 43 -7.99 -24.72 -9.91
CA GLN C 43 -7.01 -25.25 -8.97
C GLN C 43 -5.62 -25.16 -9.56
N SER C 44 -4.66 -24.70 -8.76
CA SER C 44 -3.24 -24.68 -9.11
C SER C 44 -2.45 -24.47 -7.83
N THR C 45 -1.24 -25.01 -7.77
CA THR C 45 -0.23 -24.65 -6.77
C THR C 45 0.89 -23.85 -7.38
N ASN C 46 0.67 -23.32 -8.59
CA ASN C 46 1.73 -22.62 -9.33
C ASN C 46 1.19 -21.34 -9.95
N ASN C 47 0.26 -20.66 -9.26
CA ASN C 47 -0.17 -19.31 -9.60
C ASN C 47 -0.97 -19.22 -10.88
N ALA C 48 -1.57 -20.32 -11.35
CA ALA C 48 -2.32 -20.23 -12.60
C ALA C 48 -3.46 -19.23 -12.46
N VAL C 49 -3.73 -18.54 -13.56
CA VAL C 49 -4.93 -17.71 -13.64
C VAL C 49 -6.16 -18.61 -13.74
N ILE C 50 -7.07 -18.49 -12.78
CA ILE C 50 -8.29 -19.29 -12.82
C ILE C 50 -9.45 -18.52 -13.39
N GLY C 51 -9.26 -17.24 -13.64
CA GLY C 51 -10.30 -16.45 -14.26
C GLY C 51 -9.89 -14.99 -14.39
N THR C 52 -10.39 -14.32 -15.43
CA THR C 52 -10.27 -12.87 -15.56
C THR C 52 -11.52 -12.38 -16.27
N GLN C 53 -12.09 -11.25 -15.83
CA GLN C 53 -13.35 -10.75 -16.35
C GLN C 53 -13.45 -9.26 -16.09
N VAL C 54 -14.01 -8.55 -17.05
CA VAL C 54 -14.36 -7.15 -16.86
C VAL C 54 -15.82 -7.09 -16.41
N LEU C 55 -16.06 -6.34 -15.34
CA LEU C 55 -17.36 -6.16 -14.72
C LEU C 55 -17.67 -4.68 -14.61
N ASN C 56 -18.90 -4.39 -14.23
CA ASN C 56 -19.36 -3.01 -14.02
C ASN C 56 -19.69 -2.86 -12.54
N SER C 57 -19.14 -1.83 -11.88
CA SER C 57 -19.36 -1.62 -10.44
C SER C 57 -20.78 -1.15 -10.11
N GLY C 58 -21.58 -0.79 -11.10
CA GLY C 58 -23.00 -0.52 -10.85
C GLY C 58 -23.27 0.75 -10.04
N SER C 59 -24.56 0.94 -9.74
CA SER C 59 -24.98 2.21 -9.15
C SER C 59 -24.37 2.47 -7.77
N SER C 60 -24.12 1.42 -6.98
CA SER C 60 -23.54 1.60 -5.64
C SER C 60 -22.02 1.69 -5.66
N GLY C 61 -21.38 1.11 -6.66
CA GLY C 61 -19.94 0.97 -6.61
C GLY C 61 -19.42 -0.06 -5.65
N LYS C 62 -20.29 -0.79 -4.94
CA LYS C 62 -19.84 -1.74 -3.93
C LYS C 62 -19.44 -3.06 -4.57
N VAL C 63 -18.17 -3.46 -4.41
CA VAL C 63 -17.65 -4.72 -4.93
C VAL C 63 -17.13 -5.54 -3.76
N GLN C 64 -17.57 -6.79 -3.65
CA GLN C 64 -17.13 -7.67 -2.58
C GLN C 64 -16.58 -8.96 -3.18
N VAL C 65 -15.42 -9.38 -2.71
CA VAL C 65 -14.79 -10.63 -3.11
C VAL C 65 -14.97 -11.61 -1.97
N GLN C 66 -15.42 -12.82 -2.30
CA GLN C 66 -15.51 -13.92 -1.35
C GLN C 66 -14.76 -15.10 -1.95
N VAL C 67 -14.05 -15.85 -1.12
CA VAL C 67 -13.35 -17.04 -1.60
C VAL C 67 -13.77 -18.20 -0.73
N SER C 68 -13.97 -19.34 -1.34
CA SER C 68 -14.28 -20.55 -0.57
C SER C 68 -13.67 -21.75 -1.25
N VAL C 69 -13.50 -22.81 -0.46
CA VAL C 69 -12.92 -24.06 -0.94
C VAL C 69 -13.90 -25.16 -0.54
N ASN C 70 -14.58 -25.71 -1.55
CA ASN C 70 -15.65 -26.70 -1.34
C ASN C 70 -16.68 -26.18 -0.35
N GLY C 71 -17.01 -24.91 -0.45
CA GLY C 71 -18.02 -24.31 0.39
C GLY C 71 -17.49 -23.55 1.60
N ARG C 72 -16.30 -23.90 2.09
CA ARG C 72 -15.81 -23.30 3.34
C ARG C 72 -15.20 -21.93 3.06
N PRO C 73 -15.65 -20.87 3.70
CA PRO C 73 -15.07 -19.55 3.45
C PRO C 73 -13.62 -19.51 3.87
N SER C 74 -12.79 -18.93 3.01
CA SER C 74 -11.40 -18.65 3.38
C SER C 74 -11.33 -17.31 4.11
N ASP C 75 -10.32 -17.18 4.95
CA ASP C 75 -10.06 -15.90 5.61
C ASP C 75 -9.40 -14.94 4.63
N LEU C 76 -9.86 -13.69 4.59
CA LEU C 76 -9.38 -12.76 3.59
C LEU C 76 -8.51 -11.66 4.19
N VAL C 77 -7.61 -11.15 3.38
CA VAL C 77 -6.85 -9.92 3.66
C VAL C 77 -6.92 -9.06 2.40
N SER C 78 -6.96 -7.74 2.58
CA SER C 78 -7.17 -6.88 1.40
C SER C 78 -6.66 -5.47 1.67
N ALA C 79 -6.45 -4.72 0.60
CA ALA C 79 -6.17 -3.29 0.69
C ALA C 79 -6.37 -2.72 -0.70
N GLN C 80 -6.53 -1.40 -0.78
CA GLN C 80 -6.58 -0.71 -2.06
C GLN C 80 -5.36 0.22 -2.15
N VAL C 81 -4.73 0.29 -3.32
CA VAL C 81 -3.58 1.17 -3.55
C VAL C 81 -3.86 1.98 -4.79
N ILE C 82 -3.51 3.27 -4.77
CA ILE C 82 -3.72 4.19 -5.89
C ILE C 82 -2.37 4.77 -6.25
N LEU C 83 -1.98 4.63 -7.52
CA LEU C 83 -0.73 5.19 -8.02
C LEU C 83 -1.01 6.40 -8.88
N THR C 84 -0.14 7.42 -8.76
CA THR C 84 -0.26 8.72 -9.45
C THR C 84 -1.68 9.27 -9.48
N ASN C 85 -2.40 9.02 -8.39
CA ASN C 85 -3.74 9.54 -8.20
C ASN C 85 -4.70 9.11 -9.31
N GLU C 86 -4.39 8.04 -10.03
CA GLU C 86 -5.19 7.61 -11.18
C GLU C 86 -5.43 6.11 -11.24
N LEU C 87 -4.40 5.31 -10.99
CA LEU C 87 -4.44 3.89 -11.25
C LEU C 87 -4.75 3.15 -9.96
N ASN C 88 -5.83 2.38 -9.97
CA ASN C 88 -6.32 1.75 -8.74
C ASN C 88 -6.16 0.24 -8.78
N PHE C 89 -5.70 -0.30 -7.67
CA PHE C 89 -5.67 -1.74 -7.46
C PHE C 89 -6.42 -2.05 -6.17
N ALA C 90 -7.33 -3.01 -6.20
CA ALA C 90 -7.93 -3.59 -4.99
C ALA C 90 -7.43 -5.01 -4.92
N LEU C 91 -6.76 -5.36 -3.86
CA LEU C 91 -5.98 -6.60 -3.75
C LEU C 91 -6.54 -7.45 -2.64
N VAL C 92 -6.68 -8.75 -2.91
CA VAL C 92 -7.18 -9.71 -1.93
C VAL C 92 -6.27 -10.91 -1.89
N GLY C 93 -5.89 -11.31 -0.70
CA GLY C 93 -5.34 -12.63 -0.47
C GLY C 93 -6.32 -13.46 0.36
N SER C 94 -6.09 -14.75 0.37
CA SER C 94 -7.01 -15.60 1.09
C SER C 94 -6.30 -16.86 1.58
N GLU C 95 -6.74 -17.35 2.74
CA GLU C 95 -6.11 -18.49 3.40
C GLU C 95 -7.18 -19.54 3.62
N ASP C 96 -6.99 -20.70 2.99
CA ASP C 96 -7.94 -21.82 3.06
C ASP C 96 -7.55 -22.86 4.09
N GLY C 97 -6.42 -22.67 4.74
CA GLY C 97 -5.93 -23.66 5.69
C GLY C 97 -5.33 -23.00 6.92
N THR C 98 -4.15 -23.45 7.34
CA THR C 98 -3.50 -23.03 8.55
C THR C 98 -2.11 -22.44 8.33
N ASP C 99 -1.53 -22.53 7.13
CA ASP C 99 -0.14 -22.11 7.01
C ASP C 99 0.03 -20.61 6.86
N ASN C 100 -1.05 -19.87 6.65
CA ASN C 100 -1.03 -18.42 6.63
C ASN C 100 -0.12 -17.84 5.57
N ASP C 101 0.02 -18.54 4.44
CA ASP C 101 0.62 -17.90 3.26
C ASP C 101 -0.33 -16.91 2.57
N TYR C 102 -1.64 -17.02 2.79
CA TYR C 102 -2.61 -16.05 2.25
C TYR C 102 -2.53 -15.91 0.72
N ASN C 103 -2.04 -16.95 0.02
CA ASN C 103 -1.96 -16.87 -1.44
C ASN C 103 -2.86 -17.90 -2.11
N ASP C 104 -3.76 -18.53 -1.35
CA ASP C 104 -4.41 -19.73 -1.85
C ASP C 104 -5.33 -19.40 -3.01
N ALA C 105 -6.10 -18.30 -2.89
CA ALA C 105 -6.54 -17.55 -4.05
C ALA C 105 -6.08 -16.11 -3.87
N VAL C 106 -5.49 -15.53 -4.91
CA VAL C 106 -5.06 -14.14 -4.91
C VAL C 106 -5.93 -13.44 -5.93
N VAL C 107 -6.57 -12.34 -5.54
CA VAL C 107 -7.51 -11.66 -6.44
C VAL C 107 -7.04 -10.24 -6.63
N VAL C 108 -6.92 -9.80 -7.89
CA VAL C 108 -6.52 -8.43 -8.24
C VAL C 108 -7.67 -7.80 -9.00
N ILE C 109 -8.16 -6.67 -8.49
CA ILE C 109 -9.12 -5.81 -9.18
C ILE C 109 -8.40 -4.55 -9.61
N ASN C 110 -8.64 -4.09 -10.85
CA ASN C 110 -7.94 -2.90 -11.32
C ASN C 110 -8.87 -2.03 -12.13
N TRP C 111 -8.70 -0.72 -11.97
CA TRP C 111 -9.44 0.22 -12.80
C TRP C 111 -8.65 1.53 -12.80
N PRO C 112 -8.95 2.44 -13.72
CA PRO C 112 -9.89 2.33 -14.83
C PRO C 112 -9.30 1.48 -15.94
N LEU C 113 -10.18 1.12 -16.87
CA LEU C 113 -9.84 0.32 -18.05
C LEU C 113 -9.84 1.17 -19.30
N GLY C 114 -9.33 0.55 -20.37
CA GLY C 114 -9.47 1.15 -21.69
C GLY C 114 -8.34 2.06 -22.11
N ALA D 1 -7.04 -12.50 9.71
CA ALA D 1 -5.59 -12.63 9.65
C ALA D 1 -4.96 -11.77 10.70
N THR D 2 -3.76 -12.14 11.10
CA THR D 2 -3.01 -11.31 12.03
C THR D 2 -2.74 -9.96 11.39
N GLN D 3 -2.83 -8.90 12.23
CA GLN D 3 -2.59 -7.53 11.81
C GLN D 3 -1.68 -6.86 12.82
N GLY D 4 -0.96 -5.83 12.37
CA GLY D 4 -0.10 -5.04 13.22
C GLY D 4 1.24 -5.66 13.50
N VAL D 5 1.63 -6.72 12.78
CA VAL D 5 2.92 -7.39 12.92
C VAL D 5 3.72 -7.18 11.64
N PHE D 6 4.95 -6.72 11.76
CA PHE D 6 5.76 -6.43 10.58
C PHE D 6 7.17 -6.96 10.78
N THR D 7 7.76 -7.54 9.73
CA THR D 7 9.16 -7.93 9.75
C THR D 7 9.98 -6.82 9.11
N LEU D 8 10.77 -6.12 9.94
CA LEU D 8 11.69 -5.11 9.44
C LEU D 8 13.04 -5.74 9.21
N PRO D 9 13.90 -5.12 8.43
CA PRO D 9 15.32 -5.54 8.44
C PRO D 9 15.87 -5.49 9.84
N ALA D 10 16.72 -6.46 10.17
CA ALA D 10 17.21 -6.55 11.54
C ALA D 10 18.09 -5.35 11.89
N ASN D 11 18.12 -5.02 13.18
CA ASN D 11 19.08 -4.07 13.75
C ASN D 11 18.94 -2.70 13.10
N THR D 12 17.72 -2.34 12.67
CA THR D 12 17.52 -1.12 11.92
C THR D 12 16.67 -0.14 12.73
N ARG D 13 17.10 1.12 12.73
CA ARG D 13 16.31 2.14 13.43
C ARG D 13 15.09 2.52 12.59
N PHE D 14 13.95 2.69 13.27
CA PHE D 14 12.71 3.03 12.59
C PHE D 14 11.94 4.03 13.45
N GLY D 15 11.08 4.79 12.82
CA GLY D 15 10.22 5.73 13.53
C GLY D 15 8.86 5.08 13.76
N VAL D 16 8.24 5.41 14.89
CA VAL D 16 6.90 5.00 15.19
C VAL D 16 6.16 6.19 15.76
N THR D 17 4.99 6.51 15.20
CA THR D 17 4.23 7.70 15.58
C THR D 17 2.77 7.30 15.65
N ALA D 18 2.08 7.77 16.69
CA ALA D 18 0.66 7.48 16.85
C ALA D 18 -0.15 8.74 16.95
N PHE D 19 -1.34 8.68 16.36
CA PHE D 19 -2.33 9.75 16.33
C PHE D 19 -3.62 9.22 16.93
N ALA D 20 -4.41 10.09 17.58
CA ALA D 20 -5.68 9.65 18.16
C ALA D 20 -6.86 10.37 17.55
N ASN D 21 -7.96 9.61 17.37
CA ASN D 21 -9.24 10.14 16.84
C ASN D 21 -10.38 9.36 17.49
N SER D 22 -10.64 9.65 18.78
CA SER D 22 -11.65 8.90 19.52
C SER D 22 -11.92 9.60 20.85
N SER D 23 -13.13 9.38 21.38
CA SER D 23 -13.41 9.81 22.75
C SER D 23 -12.59 9.03 23.74
N GLY D 24 -12.19 7.81 23.42
CA GLY D 24 -11.48 6.96 24.39
C GLY D 24 -9.99 7.25 24.40
N THR D 25 -9.38 7.19 25.58
CA THR D 25 -7.93 7.31 25.67
C THR D 25 -7.28 6.07 25.02
N GLN D 26 -6.36 6.30 24.10
CA GLN D 26 -5.71 5.22 23.38
C GLN D 26 -4.38 4.89 24.05
N THR D 27 -4.12 3.60 24.22
CA THR D 27 -2.81 3.13 24.67
C THR D 27 -2.21 2.30 23.55
N VAL D 28 -1.08 2.74 23.04
CA VAL D 28 -0.39 2.07 21.92
C VAL D 28 0.88 1.45 22.49
N ASN D 29 1.02 0.14 22.35
CA ASN D 29 2.23 -0.54 22.79
C ASN D 29 2.96 -1.04 21.55
N VAL D 30 4.27 -0.82 21.50
CA VAL D 30 5.09 -1.27 20.39
C VAL D 30 6.02 -2.31 20.95
N LEU D 31 5.95 -3.53 20.43
CA LEU D 31 6.80 -4.63 20.87
C LEU D 31 7.89 -4.87 19.83
N VAL D 32 9.12 -5.07 20.30
CA VAL D 32 10.21 -5.50 19.45
C VAL D 32 10.69 -6.83 19.98
N ASN D 33 10.76 -7.85 19.11
CA ASN D 33 11.08 -9.21 19.53
C ASN D 33 10.28 -9.61 20.75
N ASN D 34 8.97 -9.30 20.71
CA ASN D 34 8.00 -9.77 21.68
C ASN D 34 8.12 -9.10 23.05
N GLU D 35 8.87 -8.01 23.17
CA GLU D 35 8.97 -7.29 24.42
C GLU D 35 8.62 -5.82 24.21
N THR D 36 7.89 -5.23 25.14
CA THR D 36 7.51 -3.84 25.01
C THR D 36 8.72 -2.93 24.90
N ALA D 37 8.74 -2.10 23.86
CA ALA D 37 9.81 -1.13 23.63
C ALA D 37 9.34 0.30 23.69
N ALA D 38 8.05 0.56 23.50
CA ALA D 38 7.53 1.91 23.63
C ALA D 38 6.06 1.79 23.97
N THR D 39 5.56 2.78 24.70
CA THR D 39 4.15 2.88 25.05
C THR D 39 3.75 4.34 24.94
N PHE D 40 2.69 4.61 24.19
CA PHE D 40 2.14 5.94 24.08
C PHE D 40 0.72 5.91 24.61
N SER D 41 0.29 6.98 25.24
CA SER D 41 -1.09 7.08 25.70
C SER D 41 -1.57 8.52 25.51
N GLY D 42 -2.81 8.69 25.08
CA GLY D 42 -3.33 10.03 24.92
C GLY D 42 -4.75 9.98 24.40
N GLN D 43 -5.40 11.15 24.35
CA GLN D 43 -6.78 11.22 23.91
C GLN D 43 -6.93 12.44 23.04
N SER D 44 -7.56 12.26 21.88
CA SER D 44 -7.84 13.35 20.96
C SER D 44 -8.93 12.90 20.01
N THR D 45 -9.80 13.83 19.59
CA THR D 45 -10.66 13.61 18.44
C THR D 45 -10.23 14.47 17.27
N ASN D 46 -9.01 14.98 17.31
CA ASN D 46 -8.50 15.89 16.30
C ASN D 46 -7.12 15.47 15.80
N ASN D 47 -6.84 14.15 15.78
CA ASN D 47 -5.63 13.61 15.17
C ASN D 47 -4.35 14.05 15.88
N ALA D 48 -4.43 14.38 17.17
CA ALA D 48 -3.22 14.79 17.86
C ALA D 48 -2.21 13.66 17.88
N VAL D 49 -0.94 14.03 17.80
CA VAL D 49 0.14 13.06 18.00
C VAL D 49 0.19 12.72 19.48
N ILE D 50 0.07 11.45 19.82
CA ILE D 50 0.15 11.02 21.21
C ILE D 50 1.50 10.41 21.53
N GLY D 51 2.34 10.21 20.54
CA GLY D 51 3.70 9.79 20.79
C GLY D 51 4.46 9.63 19.49
N THR D 52 5.76 9.86 19.52
CA THR D 52 6.63 9.51 18.40
C THR D 52 7.98 9.16 18.99
N GLN D 53 8.64 8.15 18.42
CA GLN D 53 9.89 7.62 19.00
C GLN D 53 10.68 6.94 17.89
N VAL D 54 11.99 6.83 18.08
CA VAL D 54 12.85 6.04 17.23
C VAL D 54 13.26 4.81 18.02
N LEU D 55 13.03 3.63 17.40
CA LEU D 55 13.32 2.35 18.01
C LEU D 55 14.30 1.57 17.11
N ASN D 56 14.87 0.52 17.66
CA ASN D 56 15.76 -0.38 16.91
C ASN D 56 15.03 -1.72 16.76
N SER D 57 14.94 -2.21 15.52
CA SER D 57 14.20 -3.46 15.26
C SER D 57 14.86 -4.72 15.81
N GLY D 58 16.12 -4.61 16.23
CA GLY D 58 16.74 -5.74 16.94
C GLY D 58 17.08 -6.93 16.04
N SER D 59 17.53 -8.00 16.70
CA SER D 59 18.09 -9.11 15.95
C SER D 59 17.06 -9.82 15.09
N SER D 60 15.80 -9.84 15.52
CA SER D 60 14.76 -10.56 14.78
C SER D 60 14.06 -9.69 13.74
N GLY D 61 14.09 -8.38 13.91
CA GLY D 61 13.32 -7.51 13.05
C GLY D 61 11.83 -7.49 13.32
N LYS D 62 11.34 -8.25 14.29
CA LYS D 62 9.89 -8.38 14.48
C LYS D 62 9.36 -7.20 15.28
N VAL D 63 8.41 -6.47 14.71
CA VAL D 63 7.78 -5.33 15.36
C VAL D 63 6.28 -5.57 15.39
N GLN D 64 5.68 -5.41 16.55
CA GLN D 64 4.24 -5.61 16.70
C GLN D 64 3.63 -4.40 17.38
N VAL D 65 2.50 -3.93 16.85
CA VAL D 65 1.76 -2.80 17.42
C VAL D 65 0.51 -3.38 18.03
N GLN D 66 0.22 -3.00 19.28
CA GLN D 66 -1.03 -3.33 19.96
C GLN D 66 -1.70 -2.05 20.42
N VAL D 67 -3.03 -2.00 20.34
CA VAL D 67 -3.76 -0.82 20.79
C VAL D 67 -4.86 -1.27 21.71
N SER D 68 -5.03 -0.58 22.83
CA SER D 68 -6.15 -0.86 23.72
C SER D 68 -6.73 0.44 24.25
N VAL D 69 -7.98 0.35 24.67
CA VAL D 69 -8.71 1.47 25.26
C VAL D 69 -9.30 0.95 26.57
N ASN D 70 -8.89 1.54 27.69
CA ASN D 70 -9.40 1.11 29.00
C ASN D 70 -9.17 -0.38 29.21
N GLY D 71 -8.05 -0.89 28.70
CA GLY D 71 -7.66 -2.28 28.81
C GLY D 71 -8.27 -3.23 27.79
N ARG D 72 -9.15 -2.75 26.90
CA ARG D 72 -9.81 -3.63 25.95
C ARG D 72 -9.05 -3.54 24.62
N PRO D 73 -8.54 -4.65 24.05
CA PRO D 73 -7.80 -4.55 22.78
C PRO D 73 -8.70 -4.05 21.68
N SER D 74 -8.19 -3.10 20.91
CA SER D 74 -8.89 -2.66 19.70
C SER D 74 -8.63 -3.62 18.56
N ASP D 75 -9.57 -3.64 17.62
CA ASP D 75 -9.39 -4.44 16.40
C ASP D 75 -8.46 -3.69 15.47
N LEU D 76 -7.49 -4.39 14.88
CA LEU D 76 -6.48 -3.73 14.08
C LEU D 76 -6.61 -4.02 12.60
N VAL D 77 -6.17 -3.07 11.79
CA VAL D 77 -5.95 -3.28 10.36
C VAL D 77 -4.57 -2.75 10.02
N SER D 78 -3.89 -3.34 9.03
CA SER D 78 -2.50 -2.97 8.78
C SER D 78 -2.06 -3.36 7.37
N ALA D 79 -1.01 -2.72 6.90
CA ALA D 79 -0.34 -3.13 5.67
C ALA D 79 1.02 -2.44 5.63
N GLN D 80 1.92 -2.94 4.77
CA GLN D 80 3.20 -2.29 4.53
C GLN D 80 3.24 -1.86 3.06
N VAL D 81 3.80 -0.68 2.81
CA VAL D 81 3.93 -0.17 1.44
C VAL D 81 5.36 0.28 1.27
N ILE D 82 5.93 0.02 0.10
CA ILE D 82 7.29 0.40 -0.22
C ILE D 82 7.28 1.26 -1.48
N LEU D 83 7.87 2.45 -1.40
CA LEU D 83 7.97 3.35 -2.54
C LEU D 83 9.38 3.41 -3.07
N THR D 84 9.49 3.42 -4.41
CA THR D 84 10.76 3.43 -5.17
C THR D 84 11.76 2.42 -4.61
N ASN D 85 11.24 1.27 -4.13
CA ASN D 85 12.05 0.15 -3.67
C ASN D 85 12.96 0.52 -2.51
N GLU D 86 12.65 1.60 -1.80
CA GLU D 86 13.55 2.14 -0.77
C GLU D 86 12.82 2.59 0.49
N LEU D 87 11.69 3.27 0.34
CA LEU D 87 11.05 3.97 1.44
C LEU D 87 9.90 3.10 1.96
N ASN D 88 9.94 2.72 3.24
CA ASN D 88 8.99 1.78 3.81
C ASN D 88 8.05 2.44 4.80
N PHE D 89 6.77 2.09 4.68
CA PHE D 89 5.76 2.48 5.66
C PHE D 89 5.04 1.23 6.17
N ALA D 90 4.96 1.04 7.46
CA ALA D 90 4.07 0.05 8.05
C ALA D 90 2.96 0.80 8.75
N LEU D 91 1.74 0.52 8.38
CA LEU D 91 0.59 1.36 8.71
C LEU D 91 -0.39 0.53 9.52
N VAL D 92 -0.92 1.10 10.60
CA VAL D 92 -1.90 0.45 11.47
C VAL D 92 -3.06 1.40 11.71
N GLY D 93 -4.28 0.90 11.53
CA GLY D 93 -5.43 1.56 12.11
C GLY D 93 -6.09 0.67 13.15
N SER D 94 -6.97 1.28 13.96
CA SER D 94 -7.55 0.50 15.04
C SER D 94 -8.95 1.02 15.31
N GLU D 95 -9.82 0.11 15.75
CA GLU D 95 -11.20 0.43 16.03
C GLU D 95 -11.53 0.02 17.45
N ASP D 96 -12.02 0.99 18.22
CA ASP D 96 -12.35 0.79 19.62
C ASP D 96 -13.85 0.68 19.87
N GLY D 97 -14.67 0.81 18.82
CA GLY D 97 -16.11 0.93 18.98
C GLY D 97 -16.83 0.27 17.84
N THR D 98 -17.91 0.91 17.38
CA THR D 98 -18.83 0.29 16.44
C THR D 98 -18.90 0.99 15.09
N ASP D 99 -18.29 2.18 14.92
CA ASP D 99 -18.47 2.92 13.69
C ASP D 99 -17.51 2.51 12.57
N ASN D 100 -16.51 1.71 12.88
CA ASN D 100 -15.62 1.15 11.87
C ASN D 100 -14.93 2.21 11.04
N ASP D 101 -14.56 3.35 11.68
CA ASP D 101 -13.69 4.28 11.00
C ASP D 101 -12.22 3.86 11.10
N TYR D 102 -11.85 3.00 12.07
CA TYR D 102 -10.50 2.45 12.13
C TYR D 102 -9.42 3.52 12.28
N ASN D 103 -9.79 4.69 12.80
CA ASN D 103 -8.80 5.76 12.98
C ASN D 103 -8.59 6.09 14.45
N ASP D 104 -9.10 5.25 15.35
CA ASP D 104 -9.19 5.65 16.76
C ASP D 104 -7.80 5.82 17.35
N ALA D 105 -6.89 4.91 17.01
CA ALA D 105 -5.46 5.21 17.03
C ALA D 105 -4.93 4.83 15.67
N VAL D 106 -4.15 5.70 15.05
CA VAL D 106 -3.48 5.45 13.78
C VAL D 106 -2.00 5.43 14.09
N VAL D 107 -1.30 4.40 13.65
CA VAL D 107 0.12 4.26 13.94
C VAL D 107 0.87 4.16 12.61
N VAL D 108 1.91 4.96 12.45
CA VAL D 108 2.73 4.95 11.25
C VAL D 108 4.14 4.58 11.68
N ILE D 109 4.68 3.52 11.08
CA ILE D 109 6.08 3.14 11.25
C ILE D 109 6.80 3.45 9.94
N ASN D 110 7.99 4.04 9.99
CA ASN D 110 8.68 4.34 8.75
C ASN D 110 10.15 4.06 8.89
N TRP D 111 10.76 3.58 7.81
CA TRP D 111 12.21 3.36 7.76
C TRP D 111 12.63 3.34 6.30
N PRO D 112 13.92 3.48 6.01
CA PRO D 112 15.01 3.83 6.90
C PRO D 112 14.97 5.29 7.32
N LEU D 113 15.73 5.59 8.36
CA LEU D 113 15.87 6.94 8.88
C LEU D 113 17.23 7.49 8.47
N GLY D 114 17.44 8.75 8.77
CA GLY D 114 18.77 9.35 8.62
C GLY D 114 19.04 9.99 7.26
N DCY E 1 22.74 17.04 2.37
CA DCY E 1 23.51 18.19 2.82
C DCY E 1 24.72 18.46 1.93
O DCY E 1 24.89 17.99 0.83
CB DCY E 1 22.69 19.48 3.05
SG DCY E 1 21.59 19.80 1.65
N TRP E 2 25.58 19.30 2.48
CA TRP E 2 26.78 19.75 1.80
C TRP E 2 28.00 19.15 2.51
N DTR E 3 29.00 18.75 1.73
CA DTR E 3 30.31 18.42 2.26
CB DTR E 3 31.37 19.07 1.37
CG DTR E 3 32.82 18.66 1.71
CD1 DTR E 3 33.59 19.30 2.58
NE1 DTR E 3 34.71 18.65 2.54
CE2 DTR E 3 34.86 17.54 1.72
CZ2 DTR E 3 35.87 16.63 1.41
CH2 DTR E 3 35.62 15.65 0.48
CZ3 DTR E 3 34.38 15.53 -0.17
CE3 DTR E 3 33.32 16.46 0.12
CD2 DTR E 3 33.54 17.48 1.06
C DTR E 3 30.55 16.90 2.26
O DTR E 3 30.23 16.22 1.30
N LYS E 4 31.13 16.40 3.35
CA LYS E 4 31.48 14.99 3.43
C LYS E 4 30.84 14.39 4.69
N DLY E 5 30.65 13.08 4.66
CA DLY E 5 30.03 12.44 5.80
C DLY E 5 28.97 11.45 5.36
O DLY E 5 28.75 11.20 4.17
CB DLY E 5 31.04 11.72 6.69
CG DLY E 5 31.96 10.81 5.90
CD DLY E 5 33.37 11.34 6.01
CE DLY E 5 34.27 10.32 6.66
NZ DLY E 5 35.60 10.89 7.02
N LYS E 6 28.30 10.92 6.37
CA LYS E 6 27.24 9.96 6.15
C LYS E 6 26.12 10.54 5.29
N DLY E 7 25.87 9.87 4.17
CA DLY E 7 24.72 10.18 3.35
C DLY E 7 24.95 11.36 2.43
O DLY E 7 24.03 11.75 1.69
CB DLY E 7 24.29 8.91 2.62
CG DLY E 7 24.18 7.75 3.60
CD DLY E 7 22.79 7.76 4.21
CE DLY E 7 22.63 7.08 5.57
NZ DLY E 7 21.68 5.95 5.45
N LYS E 8 26.15 11.94 2.45
CA LYS E 8 26.38 13.23 1.79
C LYS E 8 26.37 13.19 0.26
N DTR E 9 26.84 12.09 -0.33
CA DTR E 9 26.78 11.94 -1.76
CB DTR E 9 27.34 10.57 -2.21
CG DTR E 9 27.08 10.37 -3.72
CD1 DTR E 9 26.01 9.76 -4.25
NE1 DTR E 9 26.20 9.84 -5.54
CE2 DTR E 9 27.34 10.47 -6.03
CZ2 DTR E 9 27.85 10.77 -7.29
CH2 DTR E 9 29.06 11.44 -7.36
CZ3 DTR E 9 29.77 11.85 -6.21
CE3 DTR E 9 29.26 11.60 -4.91
CD2 DTR E 9 28.04 10.89 -4.79
C DTR E 9 27.52 13.10 -2.43
O DTR E 9 28.54 13.55 -1.96
N TRP E 10 26.95 13.60 -3.52
CA TRP E 10 27.59 14.61 -4.36
C TRP E 10 27.61 15.99 -3.66
N DCY E 11 26.52 16.31 -2.97
CA DCY E 11 26.45 17.53 -2.13
C DCY E 11 27.66 17.61 -1.20
O DCY E 11 28.32 18.59 -1.12
CB DCY E 11 26.31 18.82 -2.95
SG DCY E 11 24.59 19.03 -3.52
N NH2 E 12 27.94 16.50 -0.51
N GLY F 1 -2.82 5.87 -29.04
CA GLY F 1 -3.05 5.92 -30.48
C GLY F 1 -3.57 7.25 -30.98
N DCY G 1 -18.38 6.53 21.48
CA DCY G 1 -18.90 6.79 22.83
C DCY G 1 -20.36 7.16 22.65
O DCY G 1 -21.12 6.50 22.02
CB DCY G 1 -18.72 5.51 23.67
SG DCY G 1 -19.56 5.60 25.28
N TRP G 2 -20.74 8.28 23.27
CA TRP G 2 -22.12 8.72 23.32
C TRP G 2 -22.17 10.26 23.29
N DTR G 3 -23.10 10.78 22.51
CA DTR G 3 -23.34 12.21 22.48
CB DTR G 3 -24.66 12.53 23.21
CG DTR G 3 -25.05 14.04 23.27
CD1 DTR G 3 -26.02 14.63 22.58
NE1 DTR G 3 -26.00 15.90 22.93
CE2 DTR G 3 -25.03 16.27 23.83
CZ2 DTR G 3 -24.64 17.44 24.46
CH2 DTR G 3 -23.57 17.39 25.35
CZ3 DTR G 3 -22.85 16.21 25.66
CE3 DTR G 3 -23.24 15.01 25.02
CD2 DTR G 3 -24.30 15.02 24.13
C DTR G 3 -23.49 12.70 21.04
O DTR G 3 -24.37 12.28 20.31
N LYS G 4 -22.59 13.60 20.63
CA LYS G 4 -22.76 14.27 19.35
C LYS G 4 -21.80 13.76 18.27
N DLY G 5 -22.17 14.01 17.02
CA DLY G 5 -21.29 13.76 15.92
C DLY G 5 -20.95 12.28 15.84
O DLY G 5 -21.81 11.40 15.86
CB DLY G 5 -22.03 14.14 14.65
CG DLY G 5 -21.24 13.76 13.41
CD DLY G 5 -20.58 14.99 12.82
CE DLY G 5 -21.35 15.41 11.57
NZ DLY G 5 -21.00 14.58 10.39
N LYS G 6 -19.65 12.02 15.71
CA LYS G 6 -19.17 10.65 15.59
C LYS G 6 -19.14 9.90 16.93
N DLY G 7 -19.48 10.58 18.01
CA DLY G 7 -19.66 9.95 19.32
C DLY G 7 -18.94 10.69 20.44
O DLY G 7 -18.25 10.07 21.20
CB DLY G 7 -21.15 9.84 19.67
CG DLY G 7 -21.87 8.95 18.67
CD DLY G 7 -23.33 8.81 19.05
CE DLY G 7 -24.01 7.81 18.13
NZ DLY G 7 -25.49 7.82 18.37
N LYS G 8 -19.11 12.02 20.52
CA LYS G 8 -18.38 12.85 21.47
C LYS G 8 -19.23 13.33 22.61
N DTR G 9 -18.63 13.39 23.80
CA DTR G 9 -19.18 14.16 24.90
CB DTR G 9 -18.24 15.38 25.15
CG DTR G 9 -17.92 16.30 23.95
CD1 DTR G 9 -16.70 16.51 23.41
NE1 DTR G 9 -16.90 17.34 22.46
CE2 DTR G 9 -18.18 17.83 22.22
CZ2 DTR G 9 -18.72 18.71 21.30
CH2 DTR G 9 -20.09 18.94 21.42
CZ3 DTR G 9 -20.89 18.28 22.38
CE3 DTR G 9 -20.35 17.34 23.30
CD2 DTR G 9 -18.98 17.13 23.25
C DTR G 9 -19.22 13.35 26.19
O DTR G 9 -19.24 13.92 27.29
N TRP G 10 -19.21 12.05 26.06
CA TRP G 10 -19.18 11.17 27.22
C TRP G 10 -17.85 10.44 27.40
N DCY G 11 -17.50 10.16 28.65
CA DCY G 11 -16.40 9.25 28.93
C DCY G 11 -15.17 10.02 29.42
O DCY G 11 -15.14 11.22 29.45
CB DCY G 11 -16.83 8.24 30.02
SG DCY G 11 -18.35 7.35 29.61
N NH2 G 12 -14.14 9.27 29.79
N DCY H 1 -3.92 -28.81 2.65
CA DCY H 1 -4.59 -30.09 2.52
C DCY H 1 -3.90 -31.01 3.53
O DCY H 1 -3.00 -30.62 4.23
CB DCY H 1 -6.13 -30.02 2.74
SG DCY H 1 -6.62 -29.67 4.46
N TRP H 2 -4.36 -32.26 3.55
CA TRP H 2 -3.90 -33.20 4.58
C TRP H 2 -2.74 -34.08 4.10
N DTR H 3 -1.93 -34.54 5.03
CA DTR H 3 -0.86 -35.48 4.76
CB DTR H 3 -0.62 -36.36 6.00
CG DTR H 3 -1.91 -37.04 6.50
CD1 DTR H 3 -3.08 -37.18 5.88
NE1 DTR H 3 -3.91 -37.82 6.68
CE2 DTR H 3 -3.39 -38.19 7.90
CZ2 DTR H 3 -3.91 -38.83 9.02
CH2 DTR H 3 -3.00 -39.01 10.06
CZ3 DTR H 3 -1.66 -38.58 10.08
CE3 DTR H 3 -1.13 -37.86 8.95
CD2 DTR H 3 -1.99 -37.70 7.87
C DTR H 3 0.40 -34.70 4.38
O DTR H 3 0.54 -33.51 4.65
N LYS H 4 1.35 -35.39 3.74
CA LYS H 4 2.65 -34.84 3.35
C LYS H 4 2.66 -34.24 1.95
N DLY H 5 3.65 -33.39 1.62
CA DLY H 5 3.79 -32.92 0.24
C DLY H 5 2.85 -31.80 -0.16
O DLY H 5 2.64 -31.58 -1.36
CB DLY H 5 5.23 -32.52 -0.14
CG DLY H 5 5.67 -31.16 0.36
CD DLY H 5 6.97 -30.74 -0.33
CE DLY H 5 7.14 -29.25 -0.52
NZ DLY H 5 6.30 -28.71 -1.64
N LYS H 6 2.30 -31.08 0.82
CA LYS H 6 1.36 -29.99 0.53
C LYS H 6 1.73 -28.70 1.27
N DLY H 7 2.90 -28.19 0.94
CA DLY H 7 3.36 -26.96 1.55
C DLY H 7 4.58 -27.31 2.39
O DLY H 7 5.45 -28.05 1.93
CB DLY H 7 3.62 -25.89 0.51
CG DLY H 7 3.97 -24.52 1.13
CD DLY H 7 3.47 -23.33 0.31
CE DLY H 7 4.01 -22.00 0.85
NZ DLY H 7 3.57 -20.77 0.09
N LYS H 8 4.64 -26.80 3.62
CA LYS H 8 5.72 -27.07 4.56
C LYS H 8 5.18 -27.84 5.79
N DTR H 9 5.36 -29.14 5.81
CA DTR H 9 4.91 -29.94 6.91
CB DTR H 9 5.32 -31.40 6.57
CG DTR H 9 5.05 -32.29 7.81
CD1 DTR H 9 5.93 -32.55 8.79
NE1 DTR H 9 5.29 -33.32 9.61
CE2 DTR H 9 3.97 -33.69 9.34
CZ2 DTR H 9 2.99 -34.47 9.94
CH2 DTR H 9 1.75 -34.57 9.32
CZ3 DTR H 9 1.46 -33.94 8.10
CE3 DTR H 9 2.45 -33.15 7.46
CD2 DTR H 9 3.71 -33.00 8.04
C DTR H 9 3.39 -29.86 7.05
O DTR H 9 2.67 -29.83 6.07
N TRP H 10 2.93 -29.89 8.30
CA TRP H 10 1.53 -30.04 8.58
C TRP H 10 0.74 -28.82 8.12
N DCY H 11 -0.29 -29.06 7.31
CA DCY H 11 -1.18 -28.00 6.80
C DCY H 11 -0.80 -27.70 5.35
O DCY H 11 -1.48 -26.95 4.68
CB DCY H 11 -2.63 -28.50 6.91
SG DCY H 11 -3.86 -27.18 6.59
N NH2 H 12 0.28 -28.31 4.88
CA CA I . -2.68 6.12 -21.52
CA CA J . -5.20 3.38 -21.46
CA CA K . 18.42 11.54 0.50
CA CA L . 17.91 10.96 4.17
CA CA M . -0.82 -21.61 -0.60
CA CA N . -2.50 -21.33 2.70
CA CA O . -12.66 7.61 15.39
CA CA P . -14.04 4.16 15.71
C1 ZDC Q . 22.13 13.14 4.63
C1M ZDC Q . 22.48 13.15 6.12
C2 ZDC Q . 21.18 11.96 4.25
C3 ZDC Q . 20.79 12.10 2.79
C4 ZDC Q . 20.17 13.46 2.50
C5 ZDC Q . 21.22 14.48 2.91
C6 ZDC Q . 22.37 14.73 2.02
C7 ZDC Q . 23.29 15.86 2.51
O2 ZDC Q . 19.97 12.03 5.04
O3 ZDC Q . 19.73 11.11 2.55
O4 ZDC Q . 19.86 13.51 1.08
O5 ZDC Q . 21.48 14.39 4.30
O7A ZDC Q . 24.11 15.57 3.38
C1 OXE R . 22.60 20.39 -2.15
C2 OXE R . 21.88 20.89 -0.90
C3 OXE R . 20.67 21.41 -1.00
C4 OXE R . 19.99 21.50 -2.36
C5 OXE R . 20.62 21.09 -3.44
C6 OXE R . 22.02 20.49 -3.34
C1' OXE R . 24.03 19.81 -1.99
C2' OXE R . 22.57 20.75 0.46
C1 ZDC S . -6.08 4.69 -25.92
C1M ZDC S . -7.18 3.75 -26.43
C2 ZDC S . -6.13 4.82 -24.37
C3 ZDC S . -4.92 5.62 -23.96
C4 ZDC S . -3.63 5.06 -24.47
C5 ZDC S . -3.77 5.07 -26.00
C6 ZDC S . -3.70 6.36 -26.75
C7 ZDC S . -3.84 6.21 -28.28
O2 ZDC S . -6.03 3.52 -23.76
O3 ZDC S . -4.90 5.58 -22.52
O4 ZDC S . -2.58 5.90 -23.96
O5 ZDC S . -4.80 4.18 -26.36
O7A ZDC S . -4.97 6.25 -28.70
C1 ZDC T . -15.84 8.77 18.71
C1M ZDC T . -15.63 10.26 18.97
C2 ZDC T . -15.41 8.37 17.25
C3 ZDC T . -15.46 6.85 17.12
C4 ZDC T . -14.65 6.22 18.22
C5 ZDC T . -15.25 6.65 19.56
C6 ZDC T . -16.59 6.08 19.94
C7 ZDC T . -17.09 6.48 21.34
O2 ZDC T . -14.02 8.75 17.05
O3 ZDC T . -14.81 6.51 15.86
O4 ZDC T . -14.77 4.76 18.05
O5 ZDC T . -15.06 8.05 19.70
O7A ZDC T . -16.26 6.79 22.15
C1 OXE U . -16.81 6.08 27.72
C2 OXE U . -17.23 6.69 26.38
C3 OXE U . -16.31 6.93 25.47
C4 OXE U . -14.85 6.65 25.75
C5 OXE U . -14.48 6.12 26.90
C6 OXE U . -15.54 5.82 27.96
C1' OXE U . -17.88 5.80 28.79
C2' OXE U . -18.70 6.99 26.04
C1 ZDC V . -1.13 -26.30 0.08
C1M ZDC V . -0.48 -26.93 -1.16
C2 ZDC V . -0.54 -24.88 0.36
C3 ZDC V . -1.34 -24.24 1.48
C4 ZDC V . -2.80 -24.23 1.16
C5 ZDC V . -3.26 -25.67 0.93
C6 ZDC V . -3.48 -26.54 2.12
C7 ZDC V . -4.17 -27.86 1.78
O2 ZDC V . -0.69 -24.06 -0.82
O3 ZDC V . -0.87 -22.86 1.59
O4 ZDC V . -3.49 -23.62 2.30
O5 ZDC V . -2.55 -26.23 -0.17
O7A ZDC V . -4.95 -27.92 0.85
C1 OXE W . -7.24 -27.24 5.66
C2 OXE W . -6.62 -27.38 7.01
C3 OXE W . -7.23 -26.84 8.07
C4 OXE W . -8.55 -26.11 7.87
C5 OXE W . -9.12 -26.05 6.69
C6 OXE W . -8.40 -26.64 5.49
C1' OXE W . -6.47 -27.88 4.51
C2' OXE W . -5.29 -28.08 7.21
#